data_9EBY
#
_entry.id   9EBY
#
_cell.length_a   55.163
_cell.length_b   79.300
_cell.length_c   88.511
_cell.angle_alpha   90.00
_cell.angle_beta   90.00
_cell.angle_gamma   90.00
#
_symmetry.space_group_name_H-M   'P 21 21 21'
#
loop_
_entity.id
_entity.type
_entity.pdbx_description
1 polymer 'Cytochrome P450'
2 polymer MET-ARG-TYR-LEU-HIS
3 non-polymer 'PROTOPORPHYRIN IX CONTAINING FE'
4 non-polymer GLYCEROL
5 water water
#
loop_
_entity_poly.entity_id
_entity_poly.type
_entity_poly.pdbx_seq_one_letter_code
_entity_poly.pdbx_strand_id
1 'polypeptide(L)'
;HMTVSPAPEHTDPLFSPLDPAVLADPYPVYRRLRETHPVYWHAGLDSWLMTRHADCTAILRDPGRFSTDFRKIDIPTPPT
LLSLQTLDPPDQTPLRHLALDAVRAQDLDALRKELTLFADQLLDELADRESFDFIHDYADVFTLRAITRFIGVEPPETDE
AFARFNDDLDHSMDAQLDPDAEEPGLRARAHFNDLVRSWLGDPGPHGVLPDVVRLLPGSGVEADDVLVNSVRAFFHAGFE
VPSRFLGNALAALLATPGAWEQLVRGDVGLDTAVEELIRYVGPVQALARACLQDTELGGMAVKEGQVVTALIGAANRDPD
QFPDPETLRLDRKPNNHLGFGRGAHSCLGLNVARIEAHVTLGALLRHPGVRSAGEPVVRPNGTLRGLSRLPLTLG
;
A
2 'polypeptide(L)' MRYLH B
#
# COMPACT_ATOMS: atom_id res chain seq x y z
N THR A 11 20.86 9.53 -16.17
CA THR A 11 20.09 8.31 -15.86
C THR A 11 20.96 7.28 -15.11
N ASP A 12 20.33 6.60 -14.16
CA ASP A 12 21.05 5.73 -13.24
C ASP A 12 21.53 4.47 -13.94
N PRO A 13 22.76 4.04 -13.70
CA PRO A 13 23.26 2.80 -14.31
C PRO A 13 22.47 1.54 -13.93
N LEU A 14 21.73 1.55 -12.82
CA LEU A 14 21.18 0.30 -12.31
C LEU A 14 19.67 0.30 -12.09
N PHE A 15 19.07 1.46 -11.79
CA PHE A 15 17.66 1.49 -11.37
C PHE A 15 17.01 2.83 -11.71
N SER A 16 16.13 2.82 -12.70
CA SER A 16 15.36 4.01 -13.05
C SER A 16 13.87 3.67 -12.85
N PRO A 17 13.31 3.95 -11.67
CA PRO A 17 11.99 3.37 -11.34
C PRO A 17 10.81 3.94 -12.14
N LEU A 18 10.96 5.13 -12.74
CA LEU A 18 9.95 5.66 -13.64
C LEU A 18 10.24 5.37 -15.11
N ASP A 19 11.25 4.55 -15.41
CA ASP A 19 11.49 4.13 -16.80
C ASP A 19 10.35 3.21 -17.22
N PRO A 20 9.72 3.44 -18.37
CA PRO A 20 8.59 2.57 -18.76
C PRO A 20 8.96 1.09 -18.80
N ALA A 21 10.17 0.76 -19.27
CA ALA A 21 10.57 -0.64 -19.34
C ALA A 21 10.72 -1.24 -17.95
N VAL A 22 11.11 -0.42 -16.97
CA VAL A 22 11.17 -0.88 -15.59
C VAL A 22 9.77 -0.94 -14.97
N LEU A 23 8.93 0.09 -15.25
CA LEU A 23 7.54 0.10 -14.78
C LEU A 23 6.77 -1.11 -15.29
N ALA A 24 7.02 -1.53 -16.54
CA ALA A 24 6.37 -2.74 -17.05
C ALA A 24 6.70 -3.95 -16.18
N ASP A 25 7.95 -4.07 -15.75
CA ASP A 25 8.32 -5.23 -14.93
C ASP A 25 9.55 -4.88 -14.11
N PRO A 26 9.38 -4.39 -12.87
CA PRO A 26 10.54 -3.97 -12.07
C PRO A 26 11.32 -5.11 -11.46
N TYR A 27 10.77 -6.30 -11.42
CA TYR A 27 11.40 -7.34 -10.60
C TYR A 27 12.74 -7.81 -11.14
N PRO A 28 12.96 -7.96 -12.45
CA PRO A 28 14.33 -8.28 -12.90
C PRO A 28 15.36 -7.21 -12.56
N VAL A 29 14.97 -5.94 -12.65
CA VAL A 29 15.85 -4.86 -12.22
C VAL A 29 16.13 -4.96 -10.73
N TYR A 30 15.10 -5.24 -9.92
CA TYR A 30 15.34 -5.48 -8.49
C TYR A 30 16.37 -6.59 -8.29
N ARG A 31 16.16 -7.72 -8.96
CA ARG A 31 17.01 -8.88 -8.73
C ARG A 31 18.46 -8.56 -9.08
N ARG A 32 18.68 -7.99 -10.28
CA ARG A 32 20.02 -7.60 -10.66
C ARG A 32 20.63 -6.62 -9.67
N LEU A 33 19.84 -5.66 -9.18
CA LEU A 33 20.38 -4.66 -8.25
C LEU A 33 20.82 -5.31 -6.94
N ARG A 34 19.97 -6.18 -6.40
CA ARG A 34 20.27 -6.93 -5.18
C ARG A 34 21.53 -7.79 -5.35
N GLU A 35 21.71 -8.42 -6.51
CA GLU A 35 22.89 -9.27 -6.73
C GLU A 35 24.18 -8.45 -6.78
N THR A 36 24.13 -7.22 -7.30
CA THR A 36 25.38 -6.49 -7.49
C THR A 36 25.67 -5.45 -6.41
N HIS A 37 24.66 -4.68 -5.97
CA HIS A 37 24.84 -3.65 -4.94
C HIS A 37 23.68 -3.72 -3.95
N PRO A 38 23.67 -4.70 -3.05
CA PRO A 38 22.52 -4.83 -2.14
C PRO A 38 22.24 -3.60 -1.30
N VAL A 39 23.26 -2.82 -0.97
CA VAL A 39 23.12 -1.49 -0.37
C VAL A 39 23.76 -0.53 -1.36
N TYR A 40 22.94 0.25 -2.06
CA TYR A 40 23.38 0.96 -3.26
C TYR A 40 23.08 2.44 -3.11
N TRP A 41 24.03 3.29 -3.47
CA TRP A 41 23.79 4.72 -3.37
C TRP A 41 23.17 5.20 -4.68
N HIS A 42 21.95 5.71 -4.59
CA HIS A 42 21.19 6.16 -5.74
C HIS A 42 21.23 7.68 -5.80
N ALA A 43 22.04 8.20 -6.72
CA ALA A 43 22.27 9.62 -6.79
C ALA A 43 20.97 10.38 -7.05
N GLY A 44 20.12 9.85 -7.92
CA GLY A 44 18.92 10.55 -8.33
C GLY A 44 17.90 10.67 -7.22
N LEU A 45 17.57 9.55 -6.58
CA LEU A 45 16.71 9.55 -5.41
C LEU A 45 17.42 10.09 -4.19
N ASP A 46 18.71 10.39 -4.31
CA ASP A 46 19.49 10.95 -3.22
C ASP A 46 19.34 10.09 -1.95
N SER A 47 19.42 8.76 -2.13
CA SER A 47 19.17 7.83 -1.05
C SER A 47 19.93 6.54 -1.25
N TRP A 48 20.13 5.80 -0.14
CA TRP A 48 20.56 4.41 -0.21
C TRP A 48 19.35 3.53 -0.48
N LEU A 49 19.53 2.52 -1.31
CA LEU A 49 18.48 1.57 -1.61
C LEU A 49 18.85 0.22 -1.04
N MET A 50 18.02 -0.32 -0.16
CA MET A 50 18.23 -1.66 0.37
C MET A 50 17.31 -2.64 -0.35
N THR A 51 17.89 -3.70 -0.89
CA THR A 51 17.15 -4.70 -1.65
C THR A 51 17.03 -6.03 -0.92
N ARG A 52 17.57 -6.14 0.30
CA ARG A 52 17.67 -7.41 1.02
C ARG A 52 16.74 -7.44 2.23
N HIS A 53 16.16 -8.62 2.46
CA HIS A 53 15.13 -8.80 3.48
C HIS A 53 15.65 -8.52 4.88
N ALA A 54 16.92 -8.86 5.12
CA ALA A 54 17.51 -8.66 6.44
C ALA A 54 17.75 -7.19 6.73
N ASP A 55 18.17 -6.43 5.72
CA ASP A 55 18.49 -5.02 5.94
C ASP A 55 17.21 -4.17 5.98
N CYS A 56 16.20 -4.48 5.15
CA CYS A 56 14.95 -3.75 5.25
C CYS A 56 14.29 -3.95 6.62
N THR A 57 14.29 -5.19 7.13
CA THR A 57 13.72 -5.42 8.45
C THR A 57 14.48 -4.66 9.52
N ALA A 58 15.79 -4.47 9.32
CA ALA A 58 16.61 -3.78 10.30
C ALA A 58 16.32 -2.29 10.31
N ILE A 59 16.06 -1.73 9.13
CA ILE A 59 15.67 -0.32 9.04
C ILE A 59 14.32 -0.11 9.69
N LEU A 60 13.37 -0.99 9.38
CA LEU A 60 12.00 -0.86 9.82
C LEU A 60 11.84 -1.01 11.33
N ARG A 61 12.79 -1.67 11.98
CA ARG A 61 12.68 -1.98 13.40
C ARG A 61 13.37 -0.95 14.31
N ASP A 62 14.17 -0.04 13.76
CA ASP A 62 15.02 0.83 14.55
C ASP A 62 14.65 2.30 14.36
N PRO A 63 13.61 2.79 15.06
CA PRO A 63 13.24 4.20 14.87
C PRO A 63 14.31 5.14 15.38
N GLY A 64 14.97 4.81 16.50
CA GLY A 64 16.00 5.68 17.03
C GLY A 64 17.10 5.99 16.04
N ARG A 65 17.37 5.06 15.12
CA ARG A 65 18.43 5.21 14.13
C ARG A 65 17.91 5.54 12.73
N PHE A 66 16.67 5.18 12.38
CA PHE A 66 16.06 5.46 11.06
C PHE A 66 14.68 6.06 11.24
N SER A 67 14.55 7.38 11.06
CA SER A 67 13.34 8.13 11.37
C SER A 67 12.48 8.39 10.13
N THR A 68 11.17 8.37 10.34
CA THR A 68 10.24 8.92 9.36
C THR A 68 10.09 10.44 9.49
N ASP A 69 10.60 11.05 10.56
CA ASP A 69 10.47 12.49 10.81
C ASP A 69 11.67 13.18 10.19
N PHE A 70 11.56 13.52 8.90
CA PHE A 70 12.72 14.03 8.19
C PHE A 70 13.15 15.40 8.72
N ARG A 71 12.35 16.04 9.57
CA ARG A 71 12.79 17.25 10.26
C ARG A 71 14.02 17.01 11.12
N LYS A 72 14.32 15.74 11.46
CA LYS A 72 15.47 15.43 12.30
C LYS A 72 16.78 15.49 11.54
N ILE A 73 16.71 15.54 10.21
CA ILE A 73 17.87 15.78 9.36
C ILE A 73 17.59 17.07 8.59
N ASP A 74 17.04 18.06 9.27
CA ASP A 74 16.83 19.42 8.76
C ASP A 74 16.08 19.45 7.43
N ILE A 75 14.98 18.69 7.34
CA ILE A 75 14.11 18.77 6.15
C ILE A 75 12.73 19.19 6.62
N PRO A 76 12.28 20.40 6.31
CA PRO A 76 10.98 20.87 6.81
C PRO A 76 9.83 20.05 6.23
N THR A 77 8.85 19.74 7.09
CA THR A 77 7.74 18.91 6.65
C THR A 77 6.67 19.78 6.04
N PRO A 78 6.32 19.59 4.77
CA PRO A 78 5.34 20.49 4.12
C PRO A 78 3.99 20.45 4.80
N PRO A 79 3.14 21.45 4.59
CA PRO A 79 1.77 21.36 5.09
C PRO A 79 1.06 20.14 4.54
N THR A 80 0.13 19.62 5.33
CA THR A 80 -0.69 18.43 5.16
C THR A 80 0.08 17.14 5.37
N LEU A 81 1.41 17.19 5.56
CA LEU A 81 2.19 15.96 5.64
C LEU A 81 2.70 15.62 7.05
N LEU A 82 2.63 16.54 8.03
CA LEU A 82 2.98 16.16 9.39
C LEU A 82 1.82 15.36 9.97
N SER A 83 2.09 14.11 10.33
CA SER A 83 1.02 13.17 10.66
C SER A 83 1.61 11.96 11.35
N LEU A 84 0.72 11.00 11.63
CA LEU A 84 1.08 9.71 12.20
C LEU A 84 2.24 9.04 11.46
N GLN A 85 2.25 9.10 10.12
CA GLN A 85 3.31 8.47 9.31
C GLN A 85 4.66 9.18 9.41
N THR A 86 4.69 10.49 9.78
CA THR A 86 5.90 11.30 9.67
C THR A 86 6.42 11.80 11.02
N LEU A 87 6.05 11.12 12.11
CA LEU A 87 6.62 11.30 13.45
C LEU A 87 7.13 9.96 13.95
N ASP A 88 8.13 9.95 14.82
CA ASP A 88 8.54 8.74 15.55
C ASP A 88 8.11 8.78 17.01
N PRO A 89 8.04 7.61 17.67
CA PRO A 89 7.93 7.59 19.13
C PRO A 89 8.97 8.51 19.75
N PRO A 90 8.63 9.21 20.87
CA PRO A 90 7.31 9.09 21.48
C PRO A 90 6.26 10.05 20.92
N ASP A 91 6.70 11.01 20.09
CA ASP A 91 5.79 11.97 19.48
C ASP A 91 4.63 11.27 18.75
N GLN A 92 4.88 10.07 18.20
CA GLN A 92 3.90 9.37 17.38
C GLN A 92 3.00 8.45 18.19
N THR A 93 3.47 8.02 19.37
CA THR A 93 2.78 6.98 20.13
C THR A 93 1.36 7.37 20.54
N PRO A 94 1.04 8.61 20.89
CA PRO A 94 -0.38 8.93 21.19
C PRO A 94 -1.29 8.73 19.98
N LEU A 95 -0.93 9.30 18.83
CA LEU A 95 -1.72 9.06 17.62
C LEU A 95 -1.76 7.57 17.27
N ARG A 96 -0.63 6.88 17.36
CA ARG A 96 -0.61 5.46 17.07
C ARG A 96 -1.58 4.71 17.98
N HIS A 97 -1.61 5.07 19.27
CA HIS A 97 -2.44 4.36 20.22
C HIS A 97 -3.91 4.72 20.04
N LEU A 98 -4.19 6.00 19.80
CA LEU A 98 -5.56 6.40 19.48
C LEU A 98 -6.09 5.63 18.28
N ALA A 99 -5.28 5.52 17.23
CA ALA A 99 -5.71 4.81 16.03
C ALA A 99 -5.82 3.31 16.28
N LEU A 100 -4.87 2.74 17.02
CA LEU A 100 -4.93 1.33 17.32
C LEU A 100 -6.18 1.01 18.10
N ASP A 101 -6.52 1.84 19.09
CA ASP A 101 -7.73 1.62 19.85
C ASP A 101 -8.95 1.75 18.96
N ALA A 102 -9.07 2.89 18.28
CA ALA A 102 -10.18 3.10 17.35
C ALA A 102 -10.35 1.94 16.38
N VAL A 103 -9.24 1.35 15.93
CA VAL A 103 -9.32 0.28 14.94
C VAL A 103 -9.74 -1.04 15.59
N ARG A 104 -9.25 -1.32 16.80
CA ARG A 104 -9.65 -2.58 17.42
C ARG A 104 -11.08 -2.53 17.94
N ALA A 105 -11.63 -1.37 18.14
CA ALA A 105 -13.03 -1.30 18.54
C ALA A 105 -14.01 -1.67 17.41
N GLN A 106 -13.59 -2.16 16.25
CA GLN A 106 -14.50 -2.39 15.14
C GLN A 106 -14.84 -3.87 15.02
N ASP A 107 -15.96 -4.13 14.38
CA ASP A 107 -16.57 -5.45 14.23
C ASP A 107 -16.19 -5.96 12.84
N LEU A 108 -15.14 -6.79 12.75
CA LEU A 108 -14.68 -7.25 11.45
C LEU A 108 -15.56 -8.33 10.84
N ASP A 109 -16.35 -9.07 11.63
CA ASP A 109 -17.27 -10.03 11.00
C ASP A 109 -18.37 -9.32 10.24
N ALA A 110 -19.00 -8.33 10.88
CA ALA A 110 -19.96 -7.49 10.19
C ALA A 110 -19.40 -6.98 8.87
N LEU A 111 -18.16 -6.47 8.91
CA LEU A 111 -17.55 -5.95 7.69
C LEU A 111 -17.41 -7.05 6.65
N ARG A 112 -16.79 -8.18 7.04
CA ARG A 112 -16.57 -9.30 6.13
C ARG A 112 -17.86 -9.74 5.46
N LYS A 113 -18.93 -9.89 6.25
CA LYS A 113 -20.20 -10.40 5.74
C LYS A 113 -20.84 -9.40 4.78
N GLU A 114 -20.82 -8.11 5.12
CA GLU A 114 -21.37 -7.13 4.21
C GLU A 114 -20.54 -7.06 2.92
N LEU A 115 -19.22 -7.23 3.02
CA LEU A 115 -18.38 -7.26 1.81
C LEU A 115 -18.69 -8.48 0.95
N THR A 116 -18.88 -9.64 1.57
CA THR A 116 -19.18 -10.85 0.80
C THR A 116 -20.47 -10.69 0.01
N LEU A 117 -21.51 -10.11 0.63
CA LEU A 117 -22.71 -9.81 -0.16
C LEU A 117 -22.35 -8.88 -1.31
N PHE A 118 -21.53 -7.87 -1.04
CA PHE A 118 -21.24 -6.87 -2.07
C PHE A 118 -20.45 -7.47 -3.22
N ALA A 119 -19.39 -8.25 -2.93
CA ALA A 119 -18.60 -8.84 -4.02
C ALA A 119 -19.47 -9.75 -4.89
N ASP A 120 -20.29 -10.59 -4.26
CA ASP A 120 -21.13 -11.52 -5.01
C ASP A 120 -22.10 -10.79 -5.92
N GLN A 121 -22.66 -9.67 -5.44
CA GLN A 121 -23.57 -8.90 -6.28
C GLN A 121 -22.82 -8.19 -7.39
N LEU A 122 -21.64 -7.63 -7.07
CA LEU A 122 -20.89 -6.89 -8.07
C LEU A 122 -20.45 -7.81 -9.20
N LEU A 123 -20.05 -9.04 -8.86
CA LEU A 123 -19.54 -9.97 -9.86
C LEU A 123 -20.63 -10.70 -10.62
N ASP A 124 -21.85 -10.74 -10.09
CA ASP A 124 -22.95 -11.23 -10.92
C ASP A 124 -23.36 -10.14 -11.92
N GLU A 125 -23.27 -8.87 -11.51
CA GLU A 125 -23.48 -7.75 -12.43
C GLU A 125 -22.45 -7.76 -13.57
N LEU A 126 -21.17 -7.96 -13.23
CA LEU A 126 -20.12 -7.91 -14.24
C LEU A 126 -20.10 -9.16 -15.09
N ALA A 127 -20.62 -10.28 -14.57
CA ALA A 127 -20.74 -11.46 -15.41
C ALA A 127 -21.75 -11.23 -16.55
N ASP A 128 -22.72 -10.32 -16.36
CA ASP A 128 -23.69 -10.01 -17.44
C ASP A 128 -23.03 -9.32 -18.62
N ARG A 129 -21.84 -8.75 -18.44
CA ARG A 129 -21.22 -7.98 -19.52
C ARG A 129 -20.37 -8.89 -20.40
N GLU A 130 -20.13 -8.43 -21.62
CA GLU A 130 -19.19 -9.11 -22.48
C GLU A 130 -17.81 -9.17 -21.83
N SER A 131 -17.36 -8.01 -21.35
CA SER A 131 -16.08 -7.85 -20.67
C SER A 131 -16.15 -6.54 -19.90
N PHE A 132 -15.21 -6.36 -18.97
CA PHE A 132 -15.12 -5.18 -18.13
C PHE A 132 -13.67 -5.01 -17.67
N ASP A 133 -13.39 -3.86 -17.05
CA ASP A 133 -12.08 -3.56 -16.46
C ASP A 133 -12.16 -3.87 -14.96
N PHE A 134 -11.44 -4.90 -14.53
CA PHE A 134 -11.43 -5.29 -13.12
C PHE A 134 -11.00 -4.16 -12.20
N ILE A 135 -10.11 -3.26 -12.65
CA ILE A 135 -9.62 -2.22 -11.77
C ILE A 135 -10.72 -1.18 -11.50
N HIS A 136 -11.29 -0.59 -12.55
CA HIS A 136 -12.24 0.49 -12.34
CA HIS A 136 -12.22 0.49 -12.28
C HIS A 136 -13.65 0.01 -12.03
N ASP A 137 -14.02 -1.19 -12.50
CA ASP A 137 -15.40 -1.66 -12.36
C ASP A 137 -15.61 -2.58 -11.17
N TYR A 138 -14.55 -3.19 -10.63
CA TYR A 138 -14.68 -4.00 -9.42
C TYR A 138 -13.79 -3.45 -8.31
N ALA A 139 -12.47 -3.53 -8.44
CA ALA A 139 -11.57 -3.30 -7.32
C ALA A 139 -11.83 -1.95 -6.69
N ASP A 140 -11.88 -0.87 -7.49
CA ASP A 140 -12.07 0.46 -6.94
C ASP A 140 -13.43 0.63 -6.28
N VAL A 141 -14.49 0.10 -6.89
CA VAL A 141 -15.81 0.15 -6.26
C VAL A 141 -15.81 -0.60 -4.94
N PHE A 142 -15.22 -1.80 -4.96
CA PHE A 142 -15.24 -2.67 -3.78
C PHE A 142 -14.43 -2.09 -2.62
N THR A 143 -13.19 -1.65 -2.90
CA THR A 143 -12.33 -1.14 -1.83
C THR A 143 -12.80 0.20 -1.29
N LEU A 144 -13.48 1.01 -2.12
CA LEU A 144 -14.04 2.24 -1.60
C LEU A 144 -15.19 1.96 -0.66
N ARG A 145 -16.07 1.01 -1.02
CA ARG A 145 -17.10 0.59 -0.09
C ARG A 145 -16.47 0.09 1.20
N ALA A 146 -15.46 -0.77 1.08
CA ALA A 146 -14.81 -1.34 2.26
C ALA A 146 -14.30 -0.25 3.20
N ILE A 147 -13.59 0.75 2.67
CA ILE A 147 -12.91 1.69 3.55
C ILE A 147 -13.88 2.72 4.16
N THR A 148 -14.93 3.11 3.42
CA THR A 148 -15.90 4.04 4.01
C THR A 148 -16.81 3.36 5.01
N ARG A 149 -17.16 2.10 4.77
CA ARG A 149 -17.89 1.36 5.79
C ARG A 149 -17.05 1.18 7.04
N PHE A 150 -15.77 0.82 6.87
CA PHE A 150 -14.88 0.57 8.01
C PHE A 150 -14.68 1.83 8.86
N ILE A 151 -14.60 2.98 8.22
CA ILE A 151 -14.35 4.23 8.94
C ILE A 151 -15.65 4.87 9.44
N GLY A 152 -16.76 4.61 8.75
CA GLY A 152 -18.05 5.08 9.19
C GLY A 152 -18.44 6.41 8.57
N VAL A 153 -18.12 6.60 7.28
CA VAL A 153 -18.39 7.87 6.63
C VAL A 153 -19.10 7.62 5.31
N GLU A 154 -19.70 8.68 4.81
CA GLU A 154 -20.37 8.63 3.52
C GLU A 154 -19.34 8.82 2.41
N PRO A 155 -19.33 7.94 1.40
CA PRO A 155 -18.25 7.98 0.42
C PRO A 155 -18.24 9.31 -0.30
N PRO A 156 -17.08 9.75 -0.80
CA PRO A 156 -17.04 10.90 -1.69
C PRO A 156 -17.55 10.50 -3.06
N GLU A 157 -17.91 11.50 -3.87
CA GLU A 157 -18.41 11.20 -5.21
C GLU A 157 -17.25 10.95 -6.16
N THR A 158 -17.34 9.86 -6.93
CA THR A 158 -16.23 9.43 -7.78
C THR A 158 -16.42 9.95 -9.21
N ASP A 159 -16.35 11.27 -9.32
CA ASP A 159 -16.28 12.01 -10.58
C ASP A 159 -14.85 12.04 -11.10
N GLU A 160 -14.61 12.74 -12.21
CA GLU A 160 -13.24 12.81 -12.73
C GLU A 160 -12.34 13.70 -11.88
N ALA A 161 -12.88 14.63 -11.09
CA ALA A 161 -12.00 15.39 -10.22
C ALA A 161 -11.38 14.50 -9.13
N PHE A 162 -12.14 13.51 -8.66
CA PHE A 162 -11.66 12.60 -7.63
C PHE A 162 -10.48 11.78 -8.15
N ALA A 163 -10.67 11.13 -9.32
CA ALA A 163 -9.57 10.41 -9.93
C ALA A 163 -8.41 11.32 -10.26
N ARG A 164 -8.66 12.63 -10.45
CA ARG A 164 -7.56 13.55 -10.74
C ARG A 164 -6.72 13.86 -9.51
N PHE A 165 -7.38 14.09 -8.37
CA PHE A 165 -6.66 14.25 -7.11
C PHE A 165 -5.96 12.96 -6.69
N ASN A 166 -6.60 11.82 -6.92
CA ASN A 166 -5.95 10.54 -6.63
C ASN A 166 -4.68 10.37 -7.44
N ASP A 167 -4.71 10.73 -8.72
CA ASP A 167 -3.52 10.57 -9.58
C ASP A 167 -2.39 11.48 -9.11
N ASP A 168 -2.75 12.73 -8.78
CA ASP A 168 -1.75 13.69 -8.32
C ASP A 168 -1.14 13.22 -7.01
N LEU A 169 -1.96 12.69 -6.12
CA LEU A 169 -1.44 12.28 -4.81
C LEU A 169 -0.50 11.08 -4.97
N ASP A 170 -0.93 10.07 -5.72
CA ASP A 170 -0.03 8.97 -6.05
C ASP A 170 1.25 9.46 -6.72
N HIS A 171 1.12 10.33 -7.73
CA HIS A 171 2.30 10.80 -8.42
C HIS A 171 3.23 11.52 -7.46
N SER A 172 2.65 12.23 -6.50
CA SER A 172 3.46 13.03 -5.58
C SER A 172 4.44 12.19 -4.76
N MET A 173 4.16 10.89 -4.57
CA MET A 173 5.08 10.01 -3.85
C MET A 173 6.42 9.88 -4.55
N ASP A 174 6.45 10.07 -5.88
CA ASP A 174 7.67 9.97 -6.66
C ASP A 174 8.29 11.33 -6.94
N ALA A 175 8.01 12.32 -6.07
CA ALA A 175 8.38 13.70 -6.35
C ALA A 175 9.88 13.91 -6.42
N GLN A 176 10.66 13.10 -5.70
CA GLN A 176 12.10 13.28 -5.71
C GLN A 176 12.65 13.12 -7.12
N LEU A 177 11.98 12.33 -7.95
CA LEU A 177 12.36 12.14 -9.33
C LEU A 177 11.61 13.07 -10.28
N ASP A 178 10.52 13.69 -9.85
CA ASP A 178 9.83 14.67 -10.68
C ASP A 178 9.40 15.84 -9.82
N PRO A 179 10.23 16.88 -9.72
CA PRO A 179 9.95 17.94 -8.70
C PRO A 179 8.64 18.69 -8.93
N ASP A 180 8.10 18.70 -10.16
CA ASP A 180 6.84 19.39 -10.46
C ASP A 180 5.63 18.66 -9.90
N ALA A 181 5.81 17.42 -9.45
CA ALA A 181 4.74 16.63 -8.87
C ALA A 181 4.41 17.02 -7.43
N GLU A 182 5.27 17.79 -6.77
CA GLU A 182 5.07 18.08 -5.35
C GLU A 182 3.81 18.90 -5.11
N GLU A 183 3.72 20.08 -5.72
CA GLU A 183 2.63 20.99 -5.37
C GLU A 183 1.25 20.41 -5.68
N PRO A 184 1.02 19.71 -6.79
CA PRO A 184 -0.30 19.06 -6.94
C PRO A 184 -0.60 18.00 -5.88
N GLY A 185 0.42 17.33 -5.31
CA GLY A 185 0.15 16.36 -4.26
C GLY A 185 -0.30 17.02 -2.97
N LEU A 186 0.35 18.13 -2.61
CA LEU A 186 -0.08 18.92 -1.47
C LEU A 186 -1.50 19.46 -1.69
N ARG A 187 -1.74 20.03 -2.87
CA ARG A 187 -3.08 20.47 -3.23
C ARG A 187 -4.09 19.32 -3.12
N ALA A 188 -3.75 18.17 -3.71
CA ALA A 188 -4.64 17.03 -3.63
C ALA A 188 -4.86 16.60 -2.18
N ARG A 189 -3.77 16.52 -1.39
CA ARG A 189 -3.93 16.16 0.01
C ARG A 189 -4.72 17.20 0.79
N ALA A 190 -4.64 18.47 0.41
CA ALA A 190 -5.48 19.47 1.09
C ALA A 190 -6.95 19.26 0.77
N HIS A 191 -7.28 18.99 -0.49
CA HIS A 191 -8.63 18.64 -0.89
C HIS A 191 -9.23 17.54 -0.02
N PHE A 192 -8.51 16.43 0.14
CA PHE A 192 -9.02 15.32 0.94
C PHE A 192 -9.02 15.66 2.44
N ASN A 193 -8.15 16.57 2.88
CA ASN A 193 -8.29 17.10 4.24
C ASN A 193 -9.61 17.87 4.41
N ASP A 194 -10.00 18.67 3.40
CA ASP A 194 -11.32 19.32 3.42
C ASP A 194 -12.44 18.30 3.48
N LEU A 195 -12.24 17.11 2.91
CA LEU A 195 -13.23 16.05 3.04
C LEU A 195 -13.18 15.42 4.42
N VAL A 196 -11.98 15.28 5.00
CA VAL A 196 -11.85 14.69 6.33
C VAL A 196 -12.46 15.59 7.38
N ARG A 197 -12.15 16.89 7.34
CA ARG A 197 -12.74 17.84 8.27
C ARG A 197 -14.26 17.75 8.25
N SER A 198 -14.85 17.66 7.07
CA SER A 198 -16.30 17.50 6.99
C SER A 198 -16.74 16.26 7.79
N TRP A 199 -16.02 15.16 7.57
CA TRP A 199 -16.37 13.91 8.24
C TRP A 199 -16.30 14.04 9.75
N LEU A 200 -15.21 14.62 10.26
CA LEU A 200 -15.01 14.78 11.70
C LEU A 200 -15.96 15.83 12.28
N GLY A 201 -16.44 16.76 11.44
CA GLY A 201 -17.29 17.84 11.92
C GLY A 201 -18.76 17.50 12.00
N ASP A 202 -19.14 16.32 11.48
CA ASP A 202 -20.49 15.78 11.65
C ASP A 202 -20.42 14.27 11.51
N PRO A 203 -19.82 13.59 12.48
CA PRO A 203 -19.63 12.14 12.34
C PRO A 203 -20.97 11.42 12.44
N GLY A 204 -20.99 10.22 11.86
CA GLY A 204 -22.10 9.32 12.03
C GLY A 204 -21.91 8.57 13.32
N PRO A 205 -22.77 7.56 13.57
CA PRO A 205 -22.79 6.91 14.90
C PRO A 205 -21.77 5.81 15.11
N HIS A 206 -21.35 5.12 14.04
CA HIS A 206 -20.46 3.97 14.17
C HIS A 206 -19.26 4.10 13.24
N GLY A 207 -18.20 3.36 13.56
CA GLY A 207 -17.01 3.24 12.73
C GLY A 207 -15.78 3.83 13.39
N VAL A 208 -14.64 3.66 12.69
CA VAL A 208 -13.35 4.14 13.20
C VAL A 208 -13.40 5.64 13.47
N LEU A 209 -13.95 6.42 12.54
CA LEU A 209 -13.82 7.87 12.69
C LEU A 209 -14.68 8.37 13.87
N PRO A 210 -15.97 8.00 14.00
CA PRO A 210 -16.67 8.24 15.27
C PRO A 210 -15.91 7.83 16.51
N ASP A 211 -15.17 6.71 16.48
CA ASP A 211 -14.46 6.29 17.69
C ASP A 211 -13.34 7.24 18.06
N VAL A 212 -12.61 7.71 17.05
CA VAL A 212 -11.56 8.69 17.28
C VAL A 212 -12.11 9.92 17.98
N VAL A 213 -13.17 10.52 17.42
CA VAL A 213 -13.77 11.70 18.05
C VAL A 213 -14.17 11.38 19.49
N ARG A 214 -14.84 10.25 19.69
CA ARG A 214 -15.25 9.83 21.02
C ARG A 214 -14.03 9.59 21.92
N LEU A 215 -12.98 8.98 21.39
CA LEU A 215 -11.84 8.56 22.20
C LEU A 215 -10.80 9.65 22.41
N LEU A 216 -10.99 10.83 21.82
CA LEU A 216 -10.01 11.90 21.99
C LEU A 216 -9.77 12.27 23.45
N PRO A 217 -10.81 12.71 24.24
CA PRO A 217 -10.55 13.13 25.63
C PRO A 217 -9.58 12.25 26.40
N GLY A 218 -8.43 12.82 26.75
CA GLY A 218 -7.46 12.09 27.53
C GLY A 218 -6.70 11.02 26.78
N SER A 219 -6.75 11.04 25.45
CA SER A 219 -5.83 10.20 24.69
C SER A 219 -4.42 10.77 24.74
N GLY A 220 -4.32 12.10 24.76
CA GLY A 220 -3.06 12.80 24.57
C GLY A 220 -2.96 13.48 23.22
N VAL A 221 -4.00 13.36 22.38
CA VAL A 221 -3.98 13.85 21.01
C VAL A 221 -4.89 15.06 20.93
N GLU A 222 -4.37 16.15 20.39
CA GLU A 222 -5.18 17.33 20.14
C GLU A 222 -5.90 17.17 18.80
N ALA A 223 -7.06 17.81 18.68
CA ALA A 223 -7.86 17.76 17.46
C ALA A 223 -7.46 18.91 16.57
N ASP A 224 -6.47 18.67 15.71
CA ASP A 224 -5.89 19.74 14.90
C ASP A 224 -5.66 19.20 13.49
N ASP A 225 -4.76 19.87 12.76
CA ASP A 225 -4.45 19.43 11.42
C ASP A 225 -3.55 18.20 11.42
N VAL A 226 -2.81 17.94 12.50
CA VAL A 226 -2.00 16.73 12.56
C VAL A 226 -2.89 15.50 12.64
N LEU A 227 -3.94 15.55 13.47
CA LEU A 227 -4.90 14.45 13.46
C LEU A 227 -5.67 14.39 12.14
N VAL A 228 -5.93 15.54 11.52
CA VAL A 228 -6.63 15.54 10.23
C VAL A 228 -5.77 14.88 9.16
N ASN A 229 -4.49 15.25 9.09
CA ASN A 229 -3.60 14.64 8.11
C ASN A 229 -3.50 13.14 8.34
N SER A 230 -3.52 12.73 9.61
CA SER A 230 -3.49 11.32 9.95
C SER A 230 -4.73 10.60 9.46
N VAL A 231 -5.90 11.21 9.66
CA VAL A 231 -7.13 10.57 9.22
C VAL A 231 -7.20 10.52 7.69
N ARG A 232 -6.75 11.57 7.01
CA ARG A 232 -6.71 11.52 5.54
C ARG A 232 -5.85 10.35 5.06
N ALA A 233 -4.67 10.17 5.67
CA ALA A 233 -3.77 9.11 5.23
C ALA A 233 -4.33 7.73 5.52
N PHE A 234 -4.98 7.57 6.69
CA PHE A 234 -5.70 6.33 6.99
C PHE A 234 -6.73 6.04 5.90
N PHE A 235 -7.53 7.04 5.54
CA PHE A 235 -8.56 6.84 4.54
C PHE A 235 -7.97 6.57 3.16
N HIS A 236 -6.98 7.36 2.75
CA HIS A 236 -6.47 7.23 1.40
C HIS A 236 -5.71 5.91 1.22
N ALA A 237 -4.89 5.53 2.19
CA ALA A 237 -4.28 4.20 2.12
C ALA A 237 -5.34 3.11 2.15
N GLY A 238 -6.36 3.26 3.02
CA GLY A 238 -7.39 2.24 3.11
C GLY A 238 -8.12 2.06 1.80
N PHE A 239 -8.25 3.13 1.02
CA PHE A 239 -8.87 3.05 -0.31
C PHE A 239 -7.91 2.45 -1.36
N GLU A 240 -6.78 3.12 -1.59
CA GLU A 240 -5.95 2.81 -2.75
C GLU A 240 -5.13 1.53 -2.61
N VAL A 241 -4.48 1.30 -1.45
CA VAL A 241 -3.53 0.18 -1.39
C VAL A 241 -4.21 -1.16 -1.62
N PRO A 242 -5.40 -1.44 -1.08
CA PRO A 242 -6.05 -2.73 -1.40
C PRO A 242 -6.44 -2.85 -2.87
N SER A 243 -6.79 -1.74 -3.51
CA SER A 243 -7.09 -1.80 -4.93
C SER A 243 -5.84 -2.08 -5.76
N ARG A 244 -4.72 -1.49 -5.37
CA ARG A 244 -3.48 -1.84 -6.05
C ARG A 244 -3.21 -3.33 -5.90
N PHE A 245 -3.42 -3.85 -4.69
CA PHE A 245 -3.15 -5.26 -4.44
C PHE A 245 -4.08 -6.15 -5.23
N LEU A 246 -5.39 -5.89 -5.17
CA LEU A 246 -6.34 -6.75 -5.85
C LEU A 246 -6.03 -6.86 -7.35
N GLY A 247 -5.68 -5.74 -7.99
CA GLY A 247 -5.32 -5.81 -9.40
C GLY A 247 -4.04 -6.58 -9.67
N ASN A 248 -3.01 -6.40 -8.84
CA ASN A 248 -1.76 -7.16 -9.00
C ASN A 248 -2.00 -8.66 -8.79
N ALA A 249 -2.74 -9.00 -7.73
CA ALA A 249 -2.99 -10.40 -7.39
C ALA A 249 -3.70 -11.14 -8.51
N LEU A 250 -4.87 -10.64 -8.95
CA LEU A 250 -5.60 -11.34 -10.01
C LEU A 250 -4.79 -11.40 -11.30
N ALA A 251 -4.07 -10.33 -11.62
CA ALA A 251 -3.21 -10.35 -12.81
C ALA A 251 -2.16 -11.46 -12.71
N ALA A 252 -1.52 -11.62 -11.55
CA ALA A 252 -0.48 -12.65 -11.40
C ALA A 252 -1.07 -14.06 -11.49
N LEU A 253 -2.25 -14.27 -10.90
CA LEU A 253 -2.90 -15.57 -10.96
C LEU A 253 -3.19 -15.96 -12.41
N LEU A 254 -3.72 -15.03 -13.20
CA LEU A 254 -4.02 -15.34 -14.60
C LEU A 254 -2.76 -15.44 -15.45
N ALA A 255 -1.74 -14.64 -15.18
CA ALA A 255 -0.52 -14.75 -15.97
C ALA A 255 0.33 -15.97 -15.61
N THR A 256 0.06 -16.64 -14.46
CA THR A 256 0.87 -17.75 -14.00
C THR A 256 0.22 -19.07 -14.34
N PRO A 257 0.76 -19.87 -15.28
CA PRO A 257 0.06 -21.08 -15.72
C PRO A 257 -0.15 -22.06 -14.57
N GLY A 258 -1.35 -22.63 -14.52
CA GLY A 258 -1.73 -23.56 -13.48
C GLY A 258 -2.23 -22.94 -12.18
N ALA A 259 -2.02 -21.63 -11.96
CA ALA A 259 -2.21 -21.07 -10.63
C ALA A 259 -3.69 -20.93 -10.27
N TRP A 260 -4.47 -20.33 -11.17
CA TRP A 260 -5.92 -20.21 -10.92
C TRP A 260 -6.55 -21.59 -10.81
N GLU A 261 -6.16 -22.51 -11.71
CA GLU A 261 -6.63 -23.90 -11.68
C GLU A 261 -6.36 -24.56 -10.32
N GLN A 262 -5.24 -24.20 -9.70
CA GLN A 262 -4.93 -24.71 -8.38
C GLN A 262 -5.93 -24.23 -7.34
N LEU A 263 -6.26 -22.93 -7.39
CA LEU A 263 -7.27 -22.40 -6.47
C LEU A 263 -8.66 -22.94 -6.77
N VAL A 264 -8.99 -23.06 -8.05
CA VAL A 264 -10.31 -23.59 -8.41
C VAL A 264 -10.45 -25.03 -7.95
N ARG A 265 -9.45 -25.88 -8.27
CA ARG A 265 -9.53 -27.27 -7.87
C ARG A 265 -9.49 -27.42 -6.36
N GLY A 266 -8.90 -26.46 -5.67
CA GLY A 266 -8.71 -26.59 -4.24
C GLY A 266 -7.50 -27.40 -3.84
N ASP A 267 -6.42 -27.38 -4.62
CA ASP A 267 -5.18 -27.96 -4.16
C ASP A 267 -4.39 -27.02 -3.25
N VAL A 268 -4.95 -25.86 -2.90
CA VAL A 268 -4.29 -24.92 -2.00
C VAL A 268 -5.37 -24.04 -1.38
N GLY A 269 -5.15 -23.62 -0.14
CA GLY A 269 -6.07 -22.73 0.52
C GLY A 269 -5.80 -21.26 0.26
N LEU A 270 -6.84 -20.45 0.49
CA LEU A 270 -6.69 -19.01 0.37
C LEU A 270 -5.69 -18.48 1.38
N ASP A 271 -5.53 -19.17 2.52
CA ASP A 271 -4.62 -18.73 3.58
C ASP A 271 -3.19 -18.59 3.08
N THR A 272 -2.59 -19.67 2.57
CA THR A 272 -1.23 -19.55 2.02
C THR A 272 -1.20 -18.78 0.71
N ALA A 273 -2.30 -18.80 -0.05
CA ALA A 273 -2.31 -18.19 -1.38
C ALA A 273 -2.32 -16.68 -1.27
N VAL A 274 -3.19 -16.13 -0.43
CA VAL A 274 -3.24 -14.68 -0.30
C VAL A 274 -1.90 -14.15 0.20
N GLU A 275 -1.30 -14.83 1.20
CA GLU A 275 0.00 -14.40 1.69
C GLU A 275 1.04 -14.47 0.59
N GLU A 276 1.03 -15.54 -0.20
CA GLU A 276 2.03 -15.60 -1.25
C GLU A 276 1.79 -14.53 -2.32
N LEU A 277 0.54 -14.13 -2.52
CA LEU A 277 0.26 -13.06 -3.50
C LEU A 277 0.81 -11.74 -3.00
N ILE A 278 0.71 -11.48 -1.68
CA ILE A 278 1.27 -10.26 -1.09
C ILE A 278 2.78 -10.23 -1.21
N ARG A 279 3.42 -11.38 -0.98
CA ARG A 279 4.88 -11.43 -1.10
C ARG A 279 5.31 -11.13 -2.52
N TYR A 280 4.67 -11.81 -3.47
CA TYR A 280 5.07 -11.77 -4.88
C TYR A 280 4.77 -10.42 -5.51
N VAL A 281 3.54 -9.89 -5.34
CA VAL A 281 3.23 -8.65 -6.05
C VAL A 281 2.60 -7.58 -5.16
N GLY A 282 2.90 -7.60 -3.87
CA GLY A 282 2.47 -6.54 -2.99
C GLY A 282 2.73 -5.18 -3.59
N PRO A 283 1.81 -4.20 -3.33
CA PRO A 283 1.87 -2.90 -4.01
C PRO A 283 2.93 -1.95 -3.49
N VAL A 284 3.20 -1.98 -2.19
CA VAL A 284 4.15 -1.02 -1.63
C VAL A 284 5.56 -1.45 -2.00
N GLN A 285 6.29 -0.56 -2.69
CA GLN A 285 7.62 -0.83 -3.20
C GLN A 285 8.75 -0.19 -2.41
N ALA A 286 8.50 0.91 -1.69
CA ALA A 286 9.57 1.64 -1.04
C ALA A 286 9.07 2.31 0.24
N LEU A 287 9.91 2.28 1.26
CA LEU A 287 9.64 2.98 2.51
C LEU A 287 10.93 3.71 2.86
N ALA A 288 10.90 5.03 2.91
CA ALA A 288 12.11 5.80 3.16
C ALA A 288 12.22 6.24 4.62
N ARG A 289 13.47 6.43 5.07
CA ARG A 289 13.79 6.77 6.44
C ARG A 289 15.03 7.64 6.44
N ALA A 290 15.20 8.43 7.51
CA ALA A 290 16.32 9.33 7.66
C ALA A 290 17.26 8.76 8.69
N CYS A 291 18.53 8.63 8.32
CA CYS A 291 19.54 8.08 9.22
C CYS A 291 19.93 9.14 10.24
N LEU A 292 19.67 8.88 11.52
CA LEU A 292 19.99 9.81 12.61
C LEU A 292 21.34 9.57 13.25
N GLN A 293 22.06 8.52 12.86
CA GLN A 293 23.33 8.16 13.47
C GLN A 293 24.08 7.23 12.54
N ASP A 294 25.34 7.56 12.28
CA ASP A 294 26.21 6.78 11.42
C ASP A 294 26.07 5.29 11.69
N THR A 295 26.06 4.50 10.62
CA THR A 295 25.76 3.08 10.71
C THR A 295 26.35 2.41 9.48
N GLU A 296 26.73 1.15 9.63
CA GLU A 296 27.18 0.34 8.51
C GLU A 296 26.06 -0.61 8.10
N LEU A 297 25.76 -0.63 6.81
CA LEU A 297 24.80 -1.56 6.25
C LEU A 297 25.40 -2.15 4.98
N GLY A 298 25.45 -3.49 4.91
CA GLY A 298 25.94 -4.17 3.72
C GLY A 298 27.37 -3.81 3.35
N GLY A 299 28.19 -3.45 4.35
CA GLY A 299 29.55 -3.00 4.08
C GLY A 299 29.68 -1.56 3.60
N MET A 300 28.57 -0.80 3.63
CA MET A 300 28.54 0.61 3.25
C MET A 300 28.32 1.46 4.51
N ALA A 301 29.05 2.57 4.61
CA ALA A 301 28.91 3.48 5.74
C ALA A 301 27.80 4.48 5.42
N VAL A 302 26.67 4.34 6.09
CA VAL A 302 25.57 5.27 5.96
C VAL A 302 25.78 6.37 7.00
N LYS A 303 25.82 7.63 6.54
CA LYS A 303 26.18 8.73 7.40
C LYS A 303 24.94 9.35 8.02
N GLU A 304 25.11 9.97 9.19
CA GLU A 304 24.04 10.76 9.77
C GLU A 304 23.62 11.85 8.79
N GLY A 305 22.31 12.02 8.60
CA GLY A 305 21.78 13.03 7.70
C GLY A 305 21.37 12.55 6.33
N GLN A 306 21.71 11.31 5.96
CA GLN A 306 21.34 10.72 4.68
C GLN A 306 20.02 9.98 4.81
N VAL A 307 19.37 9.75 3.65
CA VAL A 307 18.10 9.02 3.61
C VAL A 307 18.40 7.60 3.10
N VAL A 308 17.73 6.63 3.68
CA VAL A 308 17.78 5.25 3.20
C VAL A 308 16.36 4.84 2.82
N THR A 309 16.26 3.90 1.90
CA THR A 309 14.98 3.44 1.38
C THR A 309 14.93 1.93 1.38
N ALA A 310 14.02 1.37 2.19
CA ALA A 310 13.72 -0.04 2.13
C ALA A 310 12.85 -0.31 0.92
N LEU A 311 13.42 -0.99 -0.08
CA LEU A 311 12.67 -1.51 -1.22
C LEU A 311 12.08 -2.86 -0.85
N ILE A 312 10.92 -2.81 -0.16
CA ILE A 312 10.33 -4.03 0.39
C ILE A 312 9.77 -4.90 -0.72
N GLY A 313 9.39 -4.30 -1.85
CA GLY A 313 9.00 -5.12 -2.98
C GLY A 313 10.16 -5.95 -3.49
N ALA A 314 11.35 -5.36 -3.52
CA ALA A 314 12.53 -6.14 -3.86
C ALA A 314 12.88 -7.11 -2.74
N ALA A 315 12.82 -6.66 -1.48
CA ALA A 315 13.21 -7.54 -0.39
C ALA A 315 12.28 -8.73 -0.27
N ASN A 316 11.04 -8.61 -0.74
CA ASN A 316 10.15 -9.77 -0.66
C ASN A 316 10.50 -10.84 -1.70
N ARG A 317 11.44 -10.57 -2.60
CA ARG A 317 11.88 -11.56 -3.58
C ARG A 317 13.35 -11.92 -3.37
N ASP A 318 13.85 -11.66 -2.15
CA ASP A 318 15.22 -11.95 -1.74
C ASP A 318 15.44 -13.45 -1.58
N PRO A 319 16.29 -14.08 -2.39
CA PRO A 319 16.55 -15.51 -2.24
C PRO A 319 17.24 -15.89 -0.94
N ASP A 320 17.83 -14.94 -0.22
CA ASP A 320 18.38 -15.26 1.09
C ASP A 320 17.28 -15.63 2.09
N GLN A 321 16.06 -15.16 1.86
CA GLN A 321 14.92 -15.38 2.75
C GLN A 321 13.90 -16.37 2.19
N PHE A 322 13.70 -16.34 0.86
CA PHE A 322 12.70 -17.16 0.21
C PHE A 322 13.37 -18.06 -0.81
N PRO A 323 13.29 -19.38 -0.64
CA PRO A 323 13.65 -20.30 -1.72
C PRO A 323 12.82 -20.04 -2.99
N ASP A 324 13.47 -20.08 -4.14
CA ASP A 324 12.81 -19.92 -5.44
C ASP A 324 11.98 -18.64 -5.39
N PRO A 325 12.61 -17.48 -5.21
CA PRO A 325 11.86 -16.26 -4.86
C PRO A 325 11.05 -15.70 -6.01
N GLU A 326 11.46 -16.00 -7.24
CA GLU A 326 10.82 -15.47 -8.43
C GLU A 326 9.63 -16.30 -8.90
N THR A 327 9.18 -17.27 -8.12
CA THR A 327 8.07 -18.14 -8.51
C THR A 327 6.89 -17.96 -7.58
N LEU A 328 5.70 -17.90 -8.17
CA LEU A 328 4.47 -17.87 -7.40
C LEU A 328 4.19 -19.30 -6.93
N ARG A 329 4.46 -19.58 -5.66
CA ARG A 329 4.22 -20.86 -5.01
C ARG A 329 3.07 -20.65 -4.02
N LEU A 330 1.83 -20.91 -4.44
CA LEU A 330 0.68 -20.53 -3.63
C LEU A 330 0.60 -21.30 -2.31
N ASP A 331 1.42 -22.33 -2.11
CA ASP A 331 1.41 -23.08 -0.85
C ASP A 331 2.60 -22.75 0.03
N ARG A 332 3.28 -21.65 -0.25
CA ARG A 332 4.52 -21.31 0.43
C ARG A 332 4.35 -21.26 1.94
N LYS A 333 5.32 -21.87 2.65
CA LYS A 333 5.37 -21.89 4.12
C LYS A 333 6.84 -22.11 4.44
N PRO A 334 7.44 -21.35 5.37
CA PRO A 334 6.89 -20.13 5.96
C PRO A 334 6.96 -19.04 4.91
N ASN A 335 6.43 -17.88 5.21
CA ASN A 335 6.36 -16.78 4.25
C ASN A 335 6.42 -15.50 5.08
N ASN A 336 7.63 -15.12 5.47
CA ASN A 336 7.83 -14.00 6.37
C ASN A 336 8.07 -12.71 5.56
N HIS A 337 7.07 -12.39 4.74
CA HIS A 337 7.18 -11.23 3.84
C HIS A 337 6.99 -9.93 4.62
N LEU A 338 7.48 -8.84 4.02
CA LEU A 338 7.38 -7.50 4.60
C LEU A 338 6.24 -6.69 3.99
N GLY A 339 5.29 -7.35 3.33
CA GLY A 339 4.23 -6.63 2.64
C GLY A 339 3.50 -5.60 3.48
N PHE A 340 3.38 -5.84 4.80
CA PHE A 340 2.67 -4.93 5.70
C PHE A 340 3.60 -4.18 6.65
N GLY A 341 4.91 -4.21 6.39
CA GLY A 341 5.83 -3.41 7.19
C GLY A 341 6.09 -4.07 8.53
N ARG A 342 6.89 -3.37 9.34
CA ARG A 342 7.33 -3.81 10.66
C ARG A 342 7.61 -2.59 11.53
N GLY A 343 7.41 -2.76 12.83
CA GLY A 343 7.81 -1.72 13.79
C GLY A 343 6.74 -0.69 14.11
N ALA A 344 7.19 0.51 14.49
CA ALA A 344 6.28 1.57 14.96
C ALA A 344 5.31 2.03 13.90
N HIS A 345 5.57 1.73 12.63
CA HIS A 345 4.74 2.24 11.55
C HIS A 345 4.11 1.14 10.72
N SER A 346 4.05 -0.08 11.26
CA SER A 346 3.44 -1.19 10.53
C SER A 346 1.96 -0.89 10.28
N CYS A 347 1.40 -1.59 9.28
CA CYS A 347 0.07 -1.30 8.74
C CYS A 347 -1.04 -1.47 9.77
N LEU A 348 -1.84 -0.43 9.99
CA LEU A 348 -3.00 -0.56 10.88
C LEU A 348 -4.18 -1.27 10.23
N GLY A 349 -4.22 -1.38 8.90
CA GLY A 349 -5.32 -2.00 8.19
C GLY A 349 -5.11 -3.42 7.70
N LEU A 350 -4.05 -4.09 8.12
CA LEU A 350 -3.72 -5.39 7.54
C LEU A 350 -4.87 -6.39 7.71
N ASN A 351 -5.63 -6.31 8.80
CA ASN A 351 -6.76 -7.22 8.94
C ASN A 351 -7.86 -6.88 7.93
N VAL A 352 -8.10 -5.59 7.69
CA VAL A 352 -9.07 -5.20 6.66
C VAL A 352 -8.57 -5.58 5.27
N ALA A 353 -7.28 -5.34 5.01
CA ALA A 353 -6.65 -5.81 3.76
C ALA A 353 -6.89 -7.29 3.50
N ARG A 354 -6.66 -8.16 4.49
CA ARG A 354 -6.77 -9.59 4.25
C ARG A 354 -8.21 -10.05 4.08
N ILE A 355 -9.15 -9.39 4.75
CA ILE A 355 -10.56 -9.76 4.55
C ILE A 355 -10.97 -9.45 3.12
N GLU A 356 -10.65 -8.24 2.65
CA GLU A 356 -10.90 -7.87 1.26
C GLU A 356 -10.32 -8.88 0.27
N ALA A 357 -9.12 -9.40 0.55
CA ALA A 357 -8.50 -10.30 -0.41
C ALA A 357 -9.15 -11.68 -0.38
N HIS A 358 -9.51 -12.17 0.80
CA HIS A 358 -10.22 -13.45 0.89
C HIS A 358 -11.63 -13.34 0.33
N VAL A 359 -12.31 -12.21 0.55
CA VAL A 359 -13.69 -12.04 0.06
C VAL A 359 -13.69 -11.90 -1.46
N THR A 360 -12.80 -11.07 -2.01
CA THR A 360 -12.70 -10.91 -3.45
C THR A 360 -12.36 -12.22 -4.15
N LEU A 361 -11.39 -12.96 -3.59
CA LEU A 361 -10.95 -14.20 -4.23
C LEU A 361 -11.99 -15.30 -4.07
N GLY A 362 -12.57 -15.44 -2.87
CA GLY A 362 -13.68 -16.35 -2.71
C GLY A 362 -14.77 -16.13 -3.72
N ALA A 363 -15.12 -14.86 -3.99
CA ALA A 363 -16.22 -14.55 -4.90
C ALA A 363 -15.82 -14.82 -6.37
N LEU A 364 -14.58 -14.53 -6.74
CA LEU A 364 -14.15 -14.85 -8.11
C LEU A 364 -14.13 -16.35 -8.35
N LEU A 365 -13.83 -17.14 -7.34
CA LEU A 365 -13.83 -18.58 -7.51
C LEU A 365 -15.23 -19.11 -7.82
N ARG A 366 -16.29 -18.32 -7.62
CA ARG A 366 -17.61 -18.66 -8.11
C ARG A 366 -17.69 -18.60 -9.64
N HIS A 367 -16.73 -17.95 -10.31
CA HIS A 367 -16.73 -17.76 -11.75
C HIS A 367 -15.48 -18.43 -12.32
N PRO A 368 -15.44 -19.76 -12.33
CA PRO A 368 -14.18 -20.45 -12.66
C PRO A 368 -13.63 -20.10 -14.02
N GLY A 369 -14.49 -19.69 -14.95
CA GLY A 369 -14.07 -19.43 -16.31
C GLY A 369 -13.55 -18.03 -16.53
N VAL A 370 -13.17 -17.34 -15.45
CA VAL A 370 -12.64 -15.99 -15.55
C VAL A 370 -11.32 -15.99 -16.35
N ARG A 371 -11.18 -15.02 -17.26
CA ARG A 371 -9.98 -14.97 -18.10
C ARG A 371 -9.78 -13.55 -18.63
N SER A 372 -8.53 -13.25 -18.99
CA SER A 372 -8.20 -11.92 -19.52
C SER A 372 -8.95 -11.65 -20.82
N ALA A 373 -9.26 -10.37 -21.04
CA ALA A 373 -9.96 -9.91 -22.23
C ALA A 373 -9.19 -8.76 -22.90
N GLY A 374 -7.92 -8.59 -22.55
CA GLY A 374 -7.12 -7.53 -23.13
C GLY A 374 -5.80 -7.43 -22.40
N GLU A 375 -5.04 -6.38 -22.75
CA GLU A 375 -3.73 -6.21 -22.13
C GLU A 375 -3.85 -5.40 -20.84
N PRO A 376 -3.27 -5.86 -19.73
CA PRO A 376 -3.24 -4.99 -18.53
C PRO A 376 -2.42 -3.74 -18.81
N VAL A 377 -2.71 -2.68 -18.05
CA VAL A 377 -1.93 -1.45 -18.15
C VAL A 377 -1.42 -1.09 -16.78
N VAL A 378 -0.11 -0.81 -16.67
CA VAL A 378 0.52 -0.50 -15.39
C VAL A 378 0.48 1.01 -15.12
N ARG A 379 0.07 1.39 -13.93
CA ARG A 379 0.11 2.79 -13.57
C ARG A 379 1.56 3.27 -13.54
N PRO A 380 1.81 4.49 -13.89
CA PRO A 380 3.18 5.03 -13.91
C PRO A 380 3.70 5.50 -12.55
N ASN A 381 3.63 4.61 -11.56
CA ASN A 381 4.06 4.92 -10.20
C ASN A 381 5.13 3.92 -9.77
N GLY A 382 6.15 4.41 -9.08
CA GLY A 382 7.20 3.56 -8.57
C GLY A 382 7.05 3.25 -7.10
N THR A 383 6.64 4.23 -6.27
CA THR A 383 6.52 3.96 -4.83
C THR A 383 5.39 2.97 -4.52
N LEU A 384 4.23 3.15 -5.16
CA LEU A 384 3.05 2.33 -4.91
C LEU A 384 2.61 1.77 -6.26
N ARG A 385 2.77 0.47 -6.42
CA ARG A 385 2.66 -0.18 -7.71
C ARG A 385 1.27 -0.79 -7.90
N GLY A 386 0.66 -0.52 -9.06
CA GLY A 386 -0.60 -1.17 -9.36
C GLY A 386 -0.97 -0.94 -10.80
N LEU A 387 -2.11 -1.50 -11.19
CA LEU A 387 -2.58 -1.36 -12.56
C LEU A 387 -3.64 -0.29 -12.63
N SER A 388 -3.79 0.26 -13.83
CA SER A 388 -4.92 1.10 -14.15
C SER A 388 -5.96 0.39 -14.99
N ARG A 389 -5.64 -0.75 -15.59
CA ARG A 389 -6.70 -1.62 -16.10
C ARG A 389 -6.25 -3.07 -16.18
N LEU A 390 -7.23 -3.95 -16.01
CA LEU A 390 -7.07 -5.39 -16.11
C LEU A 390 -8.34 -5.88 -16.80
N PRO A 391 -8.34 -5.89 -18.14
CA PRO A 391 -9.54 -6.35 -18.86
C PRO A 391 -9.80 -7.82 -18.63
N LEU A 392 -11.06 -8.14 -18.37
CA LEU A 392 -11.46 -9.46 -17.91
C LEU A 392 -12.81 -9.84 -18.50
N THR A 393 -13.05 -11.15 -18.63
CA THR A 393 -14.42 -11.66 -18.77
C THR A 393 -14.63 -12.79 -17.78
N LEU A 394 -15.79 -12.78 -17.12
CA LEU A 394 -16.03 -13.75 -16.07
C LEU A 394 -16.58 -15.05 -16.67
N GLY A 395 -16.75 -16.05 -15.81
CA GLY A 395 -17.18 -17.37 -16.25
C GLY A 395 -17.62 -18.29 -15.13
N MET B 1 11.02 8.93 -3.52
CA MET B 1 10.12 7.84 -3.14
C MET B 1 9.85 7.86 -1.65
N ARG B 2 8.73 8.47 -1.27
CA ARG B 2 8.25 8.44 0.11
C ARG B 2 6.83 7.90 0.06
N TYR B 3 6.58 6.84 0.82
CA TYR B 3 5.27 6.19 0.83
C TYR B 3 4.42 6.95 1.84
N LEU B 4 3.71 7.96 1.34
CA LEU B 4 3.04 8.96 2.16
C LEU B 4 1.70 9.27 1.53
N HIS B 5 0.62 8.99 2.25
CA HIS B 5 -0.70 9.32 1.72
C HIS B 5 -1.20 10.70 2.20
#